data_2A7U
#
_entry.id   2A7U
#
loop_
_entity.id
_entity.type
_entity.pdbx_description
1 polymer 'ATP synthase alpha chain'
2 polymer 'ATP synthase delta chain'
#
loop_
_entity_poly.entity_id
_entity_poly.type
_entity_poly.pdbx_seq_one_letter_code
_entity_poly.pdbx_strand_id
1 'polypeptide(L)' MQLNSTEISELIKQRIAQFNVV A
2 'polypeptide(L)'
;SEFITVARPYAKAAFDFAVEHQSVERWQDMLAFAAEVTKNEQMAELLSGALAPETLAESFIAVCGEQLDENGQNLIRVMA
ENGRLNALPDVLEQFIHLRAVSEATAEVDVISAAALSEQQLAKISAAMEKRLSR
;
B
#
# COMPACT_ATOMS: atom_id res chain seq x y z
N MET A 1 -19.76 -7.75 0.13
CA MET A 1 -20.43 -6.43 0.38
C MET A 1 -19.62 -5.30 -0.27
N GLN A 2 -20.28 -4.37 -0.92
CA GLN A 2 -19.54 -3.23 -1.57
C GLN A 2 -20.01 -1.88 -1.01
N LEU A 3 -19.26 -1.32 -0.11
CA LEU A 3 -19.62 0.01 0.51
C LEU A 3 -18.57 0.42 1.56
N ASN A 4 -18.03 -0.52 2.29
CA ASN A 4 -17.01 -0.16 3.33
C ASN A 4 -15.58 -0.23 2.74
N SER A 5 -14.60 0.19 3.48
CA SER A 5 -13.18 0.17 2.97
C SER A 5 -12.83 -1.15 2.26
N THR A 6 -13.34 -2.27 2.70
CA THR A 6 -12.99 -3.59 2.03
C THR A 6 -13.32 -3.58 0.53
N GLU A 7 -14.31 -2.82 0.11
CA GLU A 7 -14.67 -2.80 -1.35
C GLU A 7 -13.77 -1.83 -2.14
N ILE A 8 -13.11 -0.90 -1.49
CA ILE A 8 -12.22 0.06 -2.21
C ILE A 8 -11.17 -0.67 -3.10
N SER A 9 -11.00 -1.97 -2.91
CA SER A 9 -10.02 -2.74 -3.74
C SER A 9 -10.06 -2.31 -5.22
N GLU A 10 -11.20 -2.36 -5.86
CA GLU A 10 -11.25 -1.95 -7.30
C GLU A 10 -10.81 -0.50 -7.46
N LEU A 11 -11.25 0.39 -6.61
CA LEU A 11 -10.79 1.81 -6.71
C LEU A 11 -9.27 1.83 -6.54
N ILE A 12 -8.76 1.06 -5.60
CA ILE A 12 -7.29 0.99 -5.39
C ILE A 12 -6.60 0.47 -6.66
N LYS A 13 -7.07 -0.65 -7.17
CA LYS A 13 -6.47 -1.23 -8.43
C LYS A 13 -6.35 -0.16 -9.52
N GLN A 14 -7.34 0.69 -9.63
CA GLN A 14 -7.30 1.77 -10.68
C GLN A 14 -6.32 2.88 -10.27
N ARG A 15 -6.24 3.19 -8.99
CA ARG A 15 -5.31 4.27 -8.54
C ARG A 15 -3.89 3.73 -8.26
N ILE A 16 -3.80 2.60 -7.60
CA ILE A 16 -2.45 2.01 -7.29
C ILE A 16 -1.62 1.84 -8.59
N ALA A 17 -2.25 1.46 -9.67
CA ALA A 17 -1.50 1.28 -10.96
C ALA A 17 -1.74 2.46 -11.92
N GLN A 18 -2.85 3.15 -11.81
CA GLN A 18 -3.12 4.28 -12.74
C GLN A 18 -3.56 5.57 -12.00
N PHE A 19 -2.89 5.92 -10.92
CA PHE A 19 -3.29 7.16 -10.18
C PHE A 19 -3.07 8.41 -11.05
N ASN A 20 -1.84 8.68 -11.44
CA ASN A 20 -1.57 9.88 -12.29
C ASN A 20 -1.80 9.58 -13.78
N VAL A 21 -2.89 8.94 -14.11
CA VAL A 21 -3.18 8.63 -15.54
C VAL A 21 -4.69 8.82 -15.80
N VAL A 22 -5.27 9.87 -15.26
CA VAL A 22 -6.72 10.11 -15.48
C VAL A 22 -6.95 11.32 -16.42
N SER B 1 -8.81 8.32 12.59
CA SER B 1 -8.01 7.94 11.38
C SER B 1 -7.44 6.52 11.53
N GLU B 2 -8.28 5.52 11.57
CA GLU B 2 -7.77 4.12 11.74
C GLU B 2 -8.50 3.14 10.81
N PHE B 3 -8.50 3.39 9.54
CA PHE B 3 -9.18 2.47 8.59
C PHE B 3 -8.33 1.20 8.35
N ILE B 4 -8.11 0.42 9.37
CA ILE B 4 -7.29 -0.84 9.20
C ILE B 4 -7.89 -1.70 8.06
N THR B 5 -9.18 -1.65 7.87
CA THR B 5 -9.83 -2.46 6.79
C THR B 5 -9.30 -2.06 5.41
N VAL B 6 -8.79 -0.85 5.25
CA VAL B 6 -8.26 -0.41 3.92
C VAL B 6 -7.04 -1.25 3.51
N ALA B 7 -6.29 -1.75 4.45
CA ALA B 7 -5.09 -2.58 4.10
C ALA B 7 -5.51 -3.89 3.41
N ARG B 8 -6.60 -4.48 3.81
CA ARG B 8 -7.07 -5.75 3.17
C ARG B 8 -7.17 -5.61 1.65
N PRO B 9 -7.93 -4.63 1.19
CA PRO B 9 -8.07 -4.41 -0.27
C PRO B 9 -6.75 -3.89 -0.86
N TYR B 10 -6.05 -3.01 -0.16
CA TYR B 10 -4.74 -2.49 -0.68
C TYR B 10 -3.81 -3.66 -1.04
N ALA B 11 -3.61 -4.58 -0.12
CA ALA B 11 -2.73 -5.76 -0.40
C ALA B 11 -3.23 -6.53 -1.64
N LYS B 12 -4.53 -6.65 -1.79
CA LYS B 12 -5.07 -7.39 -2.96
C LYS B 12 -5.12 -6.52 -4.22
N ALA B 13 -5.80 -5.39 -4.19
CA ALA B 13 -5.87 -4.50 -5.40
C ALA B 13 -4.46 -4.23 -5.92
N ALA B 14 -3.52 -4.02 -5.04
CA ALA B 14 -2.11 -3.77 -5.48
C ALA B 14 -1.50 -5.08 -6.04
N PHE B 15 -1.99 -6.22 -5.59
CA PHE B 15 -1.48 -7.54 -6.08
C PHE B 15 -2.15 -7.88 -7.42
N ASP B 16 -3.45 -7.68 -7.52
CA ASP B 16 -4.22 -7.98 -8.78
C ASP B 16 -3.40 -7.56 -10.03
N PHE B 17 -3.11 -6.30 -10.16
CA PHE B 17 -2.31 -5.83 -11.34
C PHE B 17 -0.83 -6.24 -11.21
N ALA B 18 -0.32 -6.33 -10.00
CA ALA B 18 1.11 -6.76 -9.82
C ALA B 18 1.32 -8.15 -10.46
N VAL B 19 0.28 -8.93 -10.57
CA VAL B 19 0.40 -10.29 -11.18
C VAL B 19 0.40 -10.17 -12.72
N GLU B 20 -0.53 -9.42 -13.28
CA GLU B 20 -0.60 -9.25 -14.78
C GLU B 20 0.75 -8.75 -15.33
N HIS B 21 1.34 -7.77 -14.70
CA HIS B 21 2.66 -7.25 -15.20
C HIS B 21 3.84 -8.05 -14.60
N GLN B 22 3.59 -9.24 -14.09
CA GLN B 22 4.69 -10.05 -13.46
C GLN B 22 5.50 -9.23 -12.45
N SER B 23 4.86 -8.29 -11.79
CA SER B 23 5.59 -7.46 -10.77
C SER B 23 5.64 -8.18 -9.42
N VAL B 24 4.62 -8.94 -9.09
CA VAL B 24 4.55 -9.69 -7.78
C VAL B 24 5.95 -10.10 -7.27
N GLU B 25 6.76 -10.72 -8.09
CA GLU B 25 8.13 -11.14 -7.64
C GLU B 25 8.91 -9.94 -7.05
N ARG B 26 9.26 -8.98 -7.86
CA ARG B 26 10.00 -7.78 -7.33
C ARG B 26 9.08 -6.94 -6.43
N TRP B 27 7.80 -6.97 -6.70
CA TRP B 27 6.82 -6.20 -5.88
C TRP B 27 6.83 -6.67 -4.40
N GLN B 28 7.03 -7.95 -4.17
CA GLN B 28 7.07 -8.48 -2.77
C GLN B 28 8.06 -7.67 -1.91
N ASP B 29 9.23 -7.40 -2.43
CA ASP B 29 10.24 -6.59 -1.67
C ASP B 29 9.65 -5.21 -1.31
N MET B 30 9.15 -4.50 -2.29
CA MET B 30 8.55 -3.15 -2.04
C MET B 30 7.59 -3.18 -0.84
N LEU B 31 6.66 -4.11 -0.83
CA LEU B 31 5.69 -4.19 0.31
C LEU B 31 6.42 -4.66 1.58
N ALA B 32 7.33 -5.58 1.46
CA ALA B 32 8.08 -6.06 2.68
C ALA B 32 8.83 -4.87 3.30
N PHE B 33 9.63 -4.18 2.54
CA PHE B 33 10.38 -3.00 3.09
C PHE B 33 9.38 -1.91 3.52
N ALA B 34 8.37 -1.65 2.74
CA ALA B 34 7.37 -0.61 3.12
C ALA B 34 6.69 -0.98 4.45
N ALA B 35 6.22 -2.20 4.58
CA ALA B 35 5.56 -2.63 5.86
C ALA B 35 6.54 -2.59 7.03
N GLU B 36 7.80 -2.82 6.76
CA GLU B 36 8.82 -2.81 7.85
C GLU B 36 9.07 -1.38 8.36
N VAL B 37 9.13 -0.42 7.48
CA VAL B 37 9.39 0.99 7.92
C VAL B 37 8.15 1.57 8.64
N THR B 38 6.95 1.23 8.20
CA THR B 38 5.72 1.78 8.86
C THR B 38 5.63 1.31 10.33
N LYS B 39 6.14 0.14 10.64
CA LYS B 39 6.11 -0.37 12.05
C LYS B 39 7.45 -0.02 12.73
N ASN B 40 7.99 1.14 12.42
CA ASN B 40 9.28 1.58 13.04
C ASN B 40 9.02 2.81 13.93
N GLU B 41 9.24 2.68 15.21
CA GLU B 41 9.00 3.81 16.18
C GLU B 41 9.18 5.19 15.53
N GLN B 42 10.38 5.51 15.10
CA GLN B 42 10.65 6.84 14.47
C GLN B 42 9.77 7.09 13.22
N MET B 43 9.65 6.12 12.36
CA MET B 43 8.80 6.31 11.15
C MET B 43 7.31 6.39 11.52
N ALA B 44 6.91 5.64 12.52
CA ALA B 44 5.47 5.67 12.96
C ALA B 44 5.06 7.10 13.35
N GLU B 45 5.80 7.74 14.22
CA GLU B 45 5.46 9.15 14.63
C GLU B 45 5.52 10.08 13.41
N LEU B 46 6.55 9.95 12.61
CA LEU B 46 6.69 10.81 11.38
C LEU B 46 5.43 10.68 10.51
N LEU B 47 4.89 9.48 10.41
CA LEU B 47 3.67 9.28 9.58
C LEU B 47 2.43 9.88 10.27
N SER B 48 2.23 9.59 11.53
CA SER B 48 1.04 10.14 12.26
C SER B 48 1.39 11.49 12.91
N GLY B 49 1.66 12.50 12.11
CA GLY B 49 2.02 13.84 12.68
C GLY B 49 0.90 14.86 12.46
N ALA B 50 0.26 14.86 11.32
CA ALA B 50 -0.83 15.85 11.06
C ALA B 50 -1.92 15.30 10.13
N LEU B 51 -2.92 16.09 9.85
CA LEU B 51 -4.02 15.64 8.93
C LEU B 51 -3.55 15.69 7.47
N ALA B 52 -2.46 16.39 7.20
CA ALA B 52 -1.95 16.49 5.80
C ALA B 52 -1.18 15.21 5.41
N PRO B 53 -1.69 14.53 4.42
CA PRO B 53 -1.07 13.27 3.93
C PRO B 53 0.28 13.53 3.22
N GLU B 54 0.49 14.72 2.71
CA GLU B 54 1.78 15.01 2.00
C GLU B 54 3.00 14.80 2.93
N THR B 55 2.96 15.31 4.13
CA THR B 55 4.11 15.14 5.09
C THR B 55 4.52 13.67 5.24
N LEU B 56 3.57 12.78 5.29
CA LEU B 56 3.91 11.32 5.44
C LEU B 56 3.92 10.59 4.08
N ALA B 57 3.25 11.11 3.09
CA ALA B 57 3.21 10.43 1.74
C ALA B 57 4.60 10.41 1.09
N GLU B 58 5.14 11.55 0.75
CA GLU B 58 6.51 11.56 0.10
C GLU B 58 7.60 11.13 1.10
N SER B 59 7.45 11.46 2.35
CA SER B 59 8.48 11.03 3.37
C SER B 59 8.63 9.50 3.34
N PHE B 60 7.54 8.78 3.29
CA PHE B 60 7.60 7.29 3.26
C PHE B 60 8.33 6.76 2.01
N ILE B 61 7.87 7.08 0.83
CA ILE B 61 8.55 6.57 -0.40
C ILE B 61 10.02 7.03 -0.44
N ALA B 62 10.33 8.15 0.18
CA ALA B 62 11.74 8.65 0.19
C ALA B 62 12.61 7.80 1.14
N VAL B 63 12.18 7.61 2.36
CA VAL B 63 12.99 6.78 3.33
C VAL B 63 13.24 5.37 2.77
N CYS B 64 12.42 4.91 1.86
CA CYS B 64 12.63 3.56 1.25
C CYS B 64 13.84 3.57 0.29
N GLY B 65 14.33 4.73 -0.08
CA GLY B 65 15.51 4.80 -1.01
C GLY B 65 15.02 4.91 -2.47
N GLU B 66 13.91 5.57 -2.69
CA GLU B 66 13.36 5.75 -4.08
C GLU B 66 13.30 4.41 -4.86
N GLN B 67 13.29 3.30 -4.17
CA GLN B 67 13.23 1.97 -4.89
C GLN B 67 11.78 1.48 -5.05
N LEU B 68 10.88 2.35 -5.44
CA LEU B 68 9.45 1.94 -5.62
C LEU B 68 8.95 2.32 -7.03
N ASP B 69 8.45 1.37 -7.77
CA ASP B 69 7.94 1.70 -9.14
C ASP B 69 6.71 2.62 -9.06
N GLU B 70 6.23 3.08 -10.20
CA GLU B 70 5.05 4.01 -10.23
C GLU B 70 4.00 3.63 -9.17
N ASN B 71 3.52 2.41 -9.17
CA ASN B 71 2.48 1.99 -8.17
C ASN B 71 2.94 2.24 -6.72
N GLY B 72 4.21 2.09 -6.44
CA GLY B 72 4.71 2.35 -5.04
C GLY B 72 4.46 3.82 -4.68
N GLN B 73 4.65 4.72 -5.61
CA GLN B 73 4.40 6.16 -5.33
C GLN B 73 2.88 6.45 -5.35
N ASN B 74 2.16 5.83 -6.24
CA ASN B 74 0.67 6.04 -6.32
C ASN B 74 -0.01 5.46 -5.07
N LEU B 75 0.41 4.30 -4.63
CA LEU B 75 -0.23 3.66 -3.43
C LEU B 75 0.00 4.49 -2.15
N ILE B 76 1.24 4.82 -1.85
CA ILE B 76 1.53 5.60 -0.60
C ILE B 76 0.70 6.90 -0.56
N ARG B 77 0.59 7.62 -1.65
CA ARG B 77 -0.23 8.87 -1.63
C ARG B 77 -1.70 8.52 -1.36
N VAL B 78 -2.29 7.65 -2.15
CA VAL B 78 -3.71 7.24 -1.90
C VAL B 78 -3.87 6.73 -0.46
N MET B 79 -2.96 5.89 -0.02
CA MET B 79 -3.02 5.36 1.37
C MET B 79 -2.97 6.53 2.37
N ALA B 80 -2.15 7.53 2.10
CA ALA B 80 -2.09 8.72 3.00
C ALA B 80 -3.38 9.55 2.83
N GLU B 81 -3.85 9.67 1.60
CA GLU B 81 -5.11 10.42 1.33
C GLU B 81 -6.26 9.90 2.21
N ASN B 82 -6.23 8.63 2.54
CA ASN B 82 -7.32 8.04 3.40
C ASN B 82 -6.99 8.18 4.91
N GLY B 83 -5.93 8.87 5.26
CA GLY B 83 -5.57 9.06 6.71
C GLY B 83 -5.14 7.72 7.34
N ARG B 84 -4.39 6.92 6.63
CA ARG B 84 -3.93 5.61 7.20
C ARG B 84 -2.71 5.05 6.44
N LEU B 85 -1.85 5.90 5.94
CA LEU B 85 -0.62 5.41 5.21
C LEU B 85 0.26 4.56 6.14
N ASN B 86 0.16 4.75 7.44
CA ASN B 86 1.00 3.94 8.37
C ASN B 86 0.52 2.46 8.43
N ALA B 87 -0.59 2.14 7.81
CA ALA B 87 -1.09 0.73 7.83
C ALA B 87 -0.43 -0.12 6.71
N LEU B 88 0.84 0.07 6.48
CA LEU B 88 1.55 -0.72 5.42
C LEU B 88 1.65 -2.21 5.82
N PRO B 89 1.93 -2.49 7.08
CA PRO B 89 2.03 -3.91 7.53
C PRO B 89 0.62 -4.53 7.49
N ASP B 90 -0.38 -3.74 7.82
CA ASP B 90 -1.79 -4.24 7.78
C ASP B 90 -2.06 -4.88 6.40
N VAL B 91 -1.45 -4.34 5.36
CA VAL B 91 -1.64 -4.90 3.98
C VAL B 91 -0.57 -6.00 3.71
N LEU B 92 0.63 -5.80 4.19
CA LEU B 92 1.72 -6.83 3.98
C LEU B 92 1.24 -8.22 4.43
N GLU B 93 0.81 -8.35 5.66
CA GLU B 93 0.32 -9.69 6.16
C GLU B 93 -0.75 -10.24 5.18
N GLN B 94 -1.64 -9.39 4.74
CA GLN B 94 -2.70 -9.83 3.75
C GLN B 94 -2.03 -10.25 2.42
N PHE B 95 -1.13 -9.43 1.92
CA PHE B 95 -0.41 -9.75 0.64
C PHE B 95 0.34 -11.09 0.72
N ILE B 96 1.06 -11.34 1.80
CA ILE B 96 1.80 -12.65 1.93
C ILE B 96 0.83 -13.82 1.69
N HIS B 97 -0.36 -13.75 2.25
CA HIS B 97 -1.35 -14.84 2.04
C HIS B 97 -1.78 -14.88 0.56
N LEU B 98 -1.95 -13.74 -0.06
CA LEU B 98 -2.32 -13.72 -1.51
C LEU B 98 -1.29 -14.51 -2.31
N ARG B 99 -0.02 -14.34 -2.00
CA ARG B 99 1.03 -15.12 -2.73
C ARG B 99 0.80 -16.62 -2.49
N ALA B 100 0.63 -17.02 -1.24
CA ALA B 100 0.36 -18.47 -0.94
C ALA B 100 -0.85 -18.95 -1.75
N VAL B 101 -1.87 -18.15 -1.87
CA VAL B 101 -3.07 -18.54 -2.67
C VAL B 101 -2.68 -18.63 -4.15
N SER B 102 -1.88 -17.71 -4.62
CA SER B 102 -1.43 -17.76 -6.05
C SER B 102 -0.42 -18.90 -6.21
N GLU B 103 0.36 -19.18 -5.20
CA GLU B 103 1.36 -20.29 -5.26
C GLU B 103 0.72 -21.59 -4.78
N ALA B 104 -0.52 -21.81 -5.09
CA ALA B 104 -1.20 -23.05 -4.64
C ALA B 104 -2.16 -23.60 -5.70
N THR B 105 -2.71 -22.75 -6.53
CA THR B 105 -3.68 -23.22 -7.58
C THR B 105 -3.16 -22.87 -8.99
#